data_4CUO
#
_entry.id   4CUO
#
_cell.length_a   73.115
_cell.length_b   73.115
_cell.length_c   164.596
_cell.angle_alpha   90.00
_cell.angle_beta   90.00
_cell.angle_gamma   120.00
#
_symmetry.space_group_name_H-M   'P 32 2 1'
#
loop_
_entity.id
_entity.type
_entity.pdbx_description
1 polymer 'BANYAN PEROXIDASE'
2 branched alpha-L-fucopyranose-(1-3)-2-acetamido-2-deoxy-beta-D-glucopyranose
3 branched alpha-D-xylopyranose-(1-2)-[alpha-D-mannopyranose-(1-3)][alpha-D-mannopyranose-(1-6)]beta-D-mannopyranose-(1-4)-2-acetamido-2-deoxy-beta-D-glucopyranose-(1-4)-[alpha-L-fucopyranose-(1-3)]2-acetamido-2-deoxy-beta-D-glucopyranose
4 branched alpha-L-fucopyranose-(1-3)-[2-acetamido-2-deoxy-beta-D-glucopyranose-(1-4)]2-acetamido-2-deoxy-beta-D-glucopyranose
5 non-polymer 'PROTOPORPHYRIN IX CONTAINING FE'
6 non-polymer 2-acetamido-2-deoxy-beta-D-glucopyranose
7 non-polymer 'CALCIUM ION'
8 non-polymer 'SODIUM ION'
9 non-polymer 'CHLORIDE ION'
10 non-polymer 'SULFATE ION'
11 non-polymer 'CARBONATE ION'
12 water water
#
_entity_poly.entity_id   1
_entity_poly.type   'polypeptide(L)'
_entity_poly.pdbx_seq_one_letter_code
;QLTPTFYRSTCPNVTSIVRGVIQDALQTDLRIPASLIRLHFHDCFVNGCDGSLLLDNSDTIESEKQAAPNNNSARGFDVV
DNIKTAVENACPGVVSCADILTIAAEQSVWLSGGPSWPVPLGRRDSLTANRTLANQTLPSPFLTLDQLKTDFSDQGLNTT
DLVALSGAHTFGRAQCQFFSQRLYNFSATGSPDPTLNTTLLETLRNICPQGGNGSTITNLDQTTPDAFDNKYFSNLQTQY
GILQTDQELFSTKGANTTAIVTKFSANQSAFFNSFVASMIKMGNIGVLT(SNN)DEGEIRSNCRSVNGGA
;
_entity_poly.pdbx_strand_id   A
#
# COMPACT_ATOMS: atom_id res chain seq x y z
N GLN A 1 14.23 17.01 7.35
CA GLN A 1 15.18 16.45 6.32
C GLN A 1 14.48 16.40 4.95
N LEU A 2 13.51 15.51 4.78
CA LEU A 2 12.63 15.62 3.61
C LEU A 2 11.83 16.90 3.69
N THR A 3 11.45 17.44 2.54
CA THR A 3 10.67 18.66 2.50
C THR A 3 9.75 18.70 1.28
N PRO A 4 8.54 19.25 1.39
CA PRO A 4 7.70 19.30 0.19
C PRO A 4 8.25 20.18 -0.94
N THR A 5 9.20 21.08 -0.62
CA THR A 5 9.73 21.99 -1.61
C THR A 5 11.00 21.46 -2.31
N PHE A 6 11.33 20.18 -2.07
CA PHE A 6 12.61 19.63 -2.55
C PHE A 6 12.87 19.84 -4.03
N TYR A 7 11.82 19.78 -4.85
CA TYR A 7 11.95 19.97 -6.30
C TYR A 7 11.48 21.32 -6.82
N ARG A 8 11.28 22.27 -5.91
CA ARG A 8 10.68 23.56 -6.31
C ARG A 8 11.50 24.29 -7.39
N SER A 9 12.79 24.04 -7.43
CA SER A 9 13.70 24.65 -8.43
C SER A 9 13.98 23.65 -9.56
N THR A 10 14.24 22.38 -9.19
CA THR A 10 14.77 21.40 -10.14
C THR A 10 13.72 20.67 -10.97
N CYS A 11 12.51 20.53 -10.43
CA CYS A 11 11.44 19.99 -11.20
C CYS A 11 10.12 20.51 -10.65
N PRO A 12 9.82 21.78 -10.93
CA PRO A 12 8.75 22.53 -10.29
C PRO A 12 7.39 21.90 -10.47
N ASN A 13 7.19 21.21 -11.59
CA ASN A 13 5.89 20.64 -11.80
C ASN A 13 5.74 19.15 -11.48
N VAL A 14 6.67 18.57 -10.73
CA VAL A 14 6.69 17.12 -10.66
C VAL A 14 5.35 16.57 -10.16
N THR A 15 4.74 17.21 -9.16
CA THR A 15 3.53 16.51 -8.63
C THR A 15 2.41 16.56 -9.67
N SER A 16 2.31 17.62 -10.46
CA SER A 16 1.30 17.71 -11.52
CA SER A 16 1.27 17.68 -11.51
C SER A 16 1.56 16.67 -12.63
N ILE A 17 2.84 16.43 -12.91
CA ILE A 17 3.22 15.47 -13.93
C ILE A 17 2.78 14.06 -13.47
N VAL A 18 3.15 13.68 -12.24
CA VAL A 18 2.72 12.38 -11.68
C VAL A 18 1.18 12.30 -11.72
N ARG A 19 0.50 13.32 -11.18
CA ARG A 19 -0.99 13.31 -11.20
C ARG A 19 -1.54 13.04 -12.62
N GLY A 20 -0.95 13.71 -13.64
CA GLY A 20 -1.49 13.59 -15.01
C GLY A 20 -1.33 12.17 -15.56
N VAL A 21 -0.22 11.52 -15.25
CA VAL A 21 -0.06 10.12 -15.72
C VAL A 21 -1.07 9.20 -15.05
N ILE A 22 -1.34 9.40 -13.74
CA ILE A 22 -2.32 8.51 -13.05
C ILE A 22 -3.74 8.81 -13.54
N GLN A 23 -4.02 10.08 -13.80
CA GLN A 23 -5.33 10.40 -14.39
C GLN A 23 -5.54 9.67 -15.74
N ASP A 24 -4.50 9.65 -16.56
CA ASP A 24 -4.50 8.88 -17.82
C ASP A 24 -4.66 7.38 -17.55
N ALA A 25 -3.88 6.82 -16.59
CA ALA A 25 -3.96 5.40 -16.35
C ALA A 25 -5.38 4.97 -15.90
N LEU A 26 -6.02 5.84 -15.12
CA LEU A 26 -7.42 5.56 -14.66
C LEU A 26 -8.37 5.37 -15.84
N GLN A 27 -8.04 5.89 -17.04
CA GLN A 27 -8.93 5.65 -18.24
C GLN A 27 -9.00 4.20 -18.60
N THR A 28 -7.95 3.44 -18.21
CA THR A 28 -8.09 1.99 -18.52
C THR A 28 -8.05 1.06 -17.31
N ASP A 29 -7.82 1.58 -16.12
CA ASP A 29 -7.81 0.70 -14.96
C ASP A 29 -8.30 1.46 -13.72
N LEU A 30 -9.55 1.22 -13.32
CA LEU A 30 -10.08 1.88 -12.13
C LEU A 30 -9.37 1.50 -10.84
N ARG A 31 -8.58 0.42 -10.85
CA ARG A 31 -7.92 -0.09 -9.66
C ARG A 31 -6.54 0.54 -9.43
N ILE A 32 -6.08 1.29 -10.45
CA ILE A 32 -4.67 1.72 -10.38
C ILE A 32 -4.28 2.57 -9.15
N PRO A 33 -5.13 3.47 -8.67
CA PRO A 33 -4.81 4.26 -7.47
C PRO A 33 -4.58 3.37 -6.25
N ALA A 34 -5.48 2.38 -6.04
CA ALA A 34 -5.19 1.41 -4.97
C ALA A 34 -3.89 0.64 -5.16
N SER A 35 -3.62 0.12 -6.38
CA SER A 35 -2.39 -0.62 -6.52
C SER A 35 -1.12 0.23 -6.28
N LEU A 36 -1.18 1.48 -6.70
CA LEU A 36 -0.03 2.34 -6.48
C LEU A 36 0.27 2.65 -5.02
N ILE A 37 -0.77 3.00 -4.22
CA ILE A 37 -0.45 3.24 -2.84
C ILE A 37 0.08 1.94 -2.17
N ARG A 38 -0.45 0.76 -2.56
CA ARG A 38 0.12 -0.46 -2.02
C ARG A 38 1.61 -0.63 -2.35
N LEU A 39 1.99 -0.27 -3.60
CA LEU A 39 3.43 -0.36 -3.89
C LEU A 39 4.23 0.53 -2.95
N HIS A 40 3.73 1.74 -2.68
CA HIS A 40 4.50 2.64 -1.77
C HIS A 40 4.67 1.99 -0.38
N PHE A 41 3.57 1.41 0.18
CA PHE A 41 3.65 0.72 1.44
C PHE A 41 4.64 -0.44 1.41
N HIS A 42 4.55 -1.31 0.39
CA HIS A 42 5.43 -2.44 0.31
C HIS A 42 6.90 -2.03 0.04
N ASP A 43 7.08 -0.83 -0.48
CA ASP A 43 8.48 -0.30 -0.53
C ASP A 43 8.92 0.10 0.85
N CYS A 44 8.14 0.98 1.52
CA CYS A 44 8.54 1.59 2.79
C CYS A 44 8.90 0.57 3.85
N PHE A 45 8.06 -0.50 3.97
CA PHE A 45 8.37 -1.47 5.00
C PHE A 45 9.61 -2.35 4.82
N VAL A 46 10.23 -2.33 3.63
CA VAL A 46 11.32 -3.21 3.32
C VAL A 46 12.56 -2.32 3.11
N ASN A 47 13.35 -2.21 4.18
CA ASN A 47 14.53 -1.27 4.16
C ASN A 47 14.20 0.19 3.91
N GLY A 48 12.95 0.57 3.98
CA GLY A 48 12.61 1.98 3.93
C GLY A 48 12.08 2.34 2.58
N CYS A 49 11.54 3.57 2.48
CA CYS A 49 10.90 4.05 1.24
C CYS A 49 12.08 4.42 0.31
N ASP A 50 12.52 3.47 -0.52
CA ASP A 50 13.82 3.65 -1.26
C ASP A 50 13.73 3.01 -2.62
N GLY A 51 12.49 2.80 -3.13
CA GLY A 51 12.39 2.20 -4.44
C GLY A 51 12.76 0.74 -4.57
N SER A 52 13.05 0.06 -3.45
CA SER A 52 13.68 -1.25 -3.55
C SER A 52 12.77 -2.25 -4.29
N LEU A 53 11.45 -2.13 -4.10
CA LEU A 53 10.47 -3.12 -4.66
C LEU A 53 10.44 -2.99 -6.18
N LEU A 54 10.81 -1.81 -6.71
CA LEU A 54 10.75 -1.64 -8.16
C LEU A 54 11.85 -2.32 -8.95
N LEU A 55 12.92 -2.76 -8.28
CA LEU A 55 14.00 -3.34 -9.07
C LEU A 55 13.57 -4.75 -9.58
N ASP A 56 13.95 -5.03 -10.82
CA ASP A 56 13.73 -6.39 -11.33
C ASP A 56 14.92 -7.32 -11.00
N ASN A 57 14.74 -8.63 -11.21
CA ASN A 57 15.91 -9.53 -11.17
C ASN A 57 17.04 -9.18 -12.12
N SER A 58 18.26 -9.35 -11.62
CA SER A 58 19.41 -9.14 -12.45
C SER A 58 20.52 -10.10 -11.93
N ASP A 59 21.72 -9.98 -12.47
CA ASP A 59 22.88 -10.76 -12.05
CA ASP A 59 22.75 -10.89 -12.00
C ASP A 59 23.15 -10.62 -10.55
N THR A 60 22.79 -9.45 -10.02
CA THR A 60 23.00 -9.17 -8.62
C THR A 60 21.73 -8.96 -7.82
N ILE A 61 20.59 -8.72 -8.49
CA ILE A 61 19.36 -8.53 -7.70
C ILE A 61 18.41 -9.71 -7.77
N GLU A 62 17.96 -10.15 -6.60
CA GLU A 62 16.87 -11.05 -6.41
CA GLU A 62 16.84 -11.04 -6.46
C GLU A 62 15.68 -10.17 -6.03
N SER A 63 14.74 -9.90 -6.97
CA SER A 63 13.71 -8.94 -6.78
C SER A 63 12.76 -9.22 -5.63
N GLU A 64 12.38 -8.19 -4.92
CA GLU A 64 11.33 -8.31 -3.92
C GLU A 64 9.98 -8.62 -4.56
N LYS A 65 9.87 -8.47 -5.89
CA LYS A 65 8.54 -8.69 -6.58
C LYS A 65 8.13 -10.17 -6.42
N GLN A 66 9.08 -11.04 -6.10
CA GLN A 66 8.71 -12.48 -5.91
C GLN A 66 8.74 -12.90 -4.46
N ALA A 67 8.89 -11.97 -3.52
CA ALA A 67 8.60 -12.25 -2.12
C ALA A 67 7.12 -12.68 -2.03
N ALA A 68 6.77 -13.57 -1.11
CA ALA A 68 5.36 -14.00 -1.00
C ALA A 68 4.29 -12.94 -0.94
N PRO A 69 4.55 -11.83 -0.18
CA PRO A 69 3.53 -10.77 -0.15
C PRO A 69 3.40 -9.99 -1.44
N ASN A 70 4.34 -10.14 -2.37
CA ASN A 70 4.30 -9.40 -3.63
C ASN A 70 3.98 -10.26 -4.84
N ASN A 71 4.34 -11.54 -4.77
CA ASN A 71 4.36 -12.38 -5.99
C ASN A 71 2.91 -12.63 -6.46
N ASN A 72 2.67 -12.32 -7.75
CA ASN A 72 1.29 -12.41 -8.33
C ASN A 72 0.24 -11.60 -7.60
N SER A 73 0.65 -10.48 -7.00
CA SER A 73 -0.20 -9.67 -6.16
C SER A 73 0.07 -8.17 -6.36
N ALA A 74 1.32 -7.80 -6.14
CA ALA A 74 1.69 -6.40 -6.41
C ALA A 74 1.58 -6.09 -7.90
N ARG A 75 1.20 -4.85 -8.24
CA ARG A 75 0.91 -4.52 -9.67
C ARG A 75 1.02 -2.99 -9.81
N GLY A 76 0.98 -2.55 -11.05
CA GLY A 76 1.10 -1.14 -11.33
C GLY A 76 2.51 -0.78 -11.80
N PHE A 77 3.40 -1.75 -11.91
CA PHE A 77 4.83 -1.45 -12.29
C PHE A 77 4.96 -0.77 -13.64
N ASP A 78 4.10 -1.13 -14.61
CA ASP A 78 4.22 -0.44 -15.94
C ASP A 78 3.74 0.98 -15.81
N VAL A 79 2.73 1.20 -14.96
CA VAL A 79 2.28 2.60 -14.76
C VAL A 79 3.37 3.43 -14.04
N VAL A 80 4.07 2.82 -13.06
CA VAL A 80 5.23 3.48 -12.52
C VAL A 80 6.27 3.84 -13.59
N ASP A 81 6.54 2.91 -14.52
CA ASP A 81 7.48 3.21 -15.61
C ASP A 81 6.98 4.40 -16.43
N ASN A 82 5.66 4.50 -16.59
CA ASN A 82 5.11 5.61 -17.31
C ASN A 82 5.24 6.92 -16.58
N ILE A 83 5.08 6.88 -15.27
CA ILE A 83 5.29 8.10 -14.46
C ILE A 83 6.76 8.52 -14.58
N LYS A 84 7.65 7.53 -14.47
CA LYS A 84 9.09 7.90 -14.52
C LYS A 84 9.46 8.46 -15.88
N THR A 85 8.97 7.83 -16.94
CA THR A 85 9.20 8.38 -18.30
C THR A 85 8.77 9.86 -18.40
N ALA A 86 7.55 10.17 -17.92
CA ALA A 86 6.97 11.53 -18.02
C ALA A 86 7.80 12.51 -17.22
N VAL A 87 8.24 12.08 -16.02
CA VAL A 87 9.05 12.95 -15.16
CA VAL A 87 9.04 12.98 -15.18
C VAL A 87 10.45 13.17 -15.77
N GLU A 88 11.03 12.11 -16.35
CA GLU A 88 12.36 12.22 -17.02
C GLU A 88 12.28 13.05 -18.29
N ASN A 89 11.14 13.05 -18.96
CA ASN A 89 10.98 13.95 -20.12
C ASN A 89 11.09 15.39 -19.69
N ALA A 90 10.46 15.77 -18.59
CA ALA A 90 10.44 17.20 -18.15
C ALA A 90 11.67 17.61 -17.38
N CYS A 91 12.19 16.69 -16.55
CA CYS A 91 13.26 16.94 -15.59
CA CYS A 91 13.34 17.00 -15.68
C CYS A 91 14.28 15.79 -15.54
N PRO A 92 15.11 15.60 -16.58
CA PRO A 92 15.90 14.39 -16.65
C PRO A 92 16.88 14.34 -15.46
N GLY A 93 16.95 13.19 -14.84
CA GLY A 93 17.95 12.82 -13.84
C GLY A 93 17.71 13.53 -12.50
N VAL A 94 16.48 13.96 -12.24
CA VAL A 94 16.18 14.81 -11.06
C VAL A 94 15.39 14.02 -9.98
N VAL A 95 14.32 13.34 -10.37
CA VAL A 95 13.33 12.81 -9.38
C VAL A 95 13.51 11.31 -9.16
N SER A 96 13.75 10.91 -7.92
CA SER A 96 14.00 9.46 -7.64
C SER A 96 12.67 8.65 -7.80
N CYS A 97 12.88 7.37 -8.08
CA CYS A 97 11.72 6.43 -8.11
C CYS A 97 11.11 6.36 -6.70
N ALA A 98 11.93 6.37 -5.64
CA ALA A 98 11.37 6.34 -4.26
C ALA A 98 10.37 7.55 -4.06
N ASP A 99 10.76 8.78 -4.49
CA ASP A 99 9.82 9.86 -4.43
C ASP A 99 8.64 9.75 -5.38
N ILE A 100 8.84 9.21 -6.59
CA ILE A 100 7.71 9.02 -7.53
C ILE A 100 6.63 8.10 -6.87
N LEU A 101 7.08 7.01 -6.23
CA LEU A 101 6.08 6.17 -5.51
C LEU A 101 5.36 6.91 -4.37
N THR A 102 6.08 7.82 -3.68
CA THR A 102 5.43 8.59 -2.59
C THR A 102 4.40 9.57 -3.16
N ILE A 103 4.79 10.34 -4.16
CA ILE A 103 3.80 11.25 -4.79
C ILE A 103 2.66 10.46 -5.36
N ALA A 104 2.95 9.34 -6.03
CA ALA A 104 1.88 8.55 -6.65
C ALA A 104 0.85 8.03 -5.57
N ALA A 105 1.39 7.71 -4.40
CA ALA A 105 0.47 7.27 -3.32
C ALA A 105 -0.48 8.39 -2.94
N GLU A 106 0.07 9.58 -2.69
CA GLU A 106 -0.76 10.67 -2.31
C GLU A 106 -1.77 11.08 -3.41
N GLN A 107 -1.31 11.17 -4.67
CA GLN A 107 -2.21 11.62 -5.71
C GLN A 107 -3.28 10.54 -5.92
N SER A 108 -2.92 9.28 -5.74
CA SER A 108 -3.90 8.17 -5.90
C SER A 108 -5.00 8.28 -4.87
N VAL A 109 -4.63 8.68 -3.64
CA VAL A 109 -5.64 8.95 -2.59
C VAL A 109 -6.53 10.13 -2.96
N TRP A 110 -5.93 11.29 -3.30
CA TRP A 110 -6.73 12.48 -3.58
C TRP A 110 -7.60 12.28 -4.80
N LEU A 111 -7.07 11.64 -5.85
CA LEU A 111 -7.90 11.46 -7.08
C LEU A 111 -9.07 10.53 -6.84
N SER A 112 -8.97 9.76 -5.76
CA SER A 112 -10.05 8.77 -5.39
C SER A 112 -11.00 9.37 -4.39
N GLY A 113 -10.84 10.65 -4.07
CA GLY A 113 -11.86 11.35 -3.24
C GLY A 113 -11.34 11.57 -1.82
N GLY A 114 -10.10 11.18 -1.60
CA GLY A 114 -9.50 11.23 -0.27
C GLY A 114 -8.83 12.61 -0.03
N PRO A 115 -8.11 12.74 1.09
CA PRO A 115 -7.46 14.01 1.40
C PRO A 115 -6.27 14.26 0.49
N SER A 116 -5.93 15.54 0.31
CA SER A 116 -4.61 15.87 -0.26
C SER A 116 -3.72 16.38 0.87
N TRP A 117 -2.40 16.34 0.64
CA TRP A 117 -1.49 16.89 1.67
C TRP A 117 -0.16 17.21 1.01
N PRO A 118 0.64 18.12 1.63
CA PRO A 118 1.90 18.39 1.03
C PRO A 118 2.87 17.21 1.22
N VAL A 119 3.43 16.66 0.14
CA VAL A 119 4.23 15.39 0.23
C VAL A 119 5.72 15.75 0.50
N PRO A 120 6.27 15.32 1.63
CA PRO A 120 7.70 15.57 1.88
C PRO A 120 8.53 14.75 0.85
N LEU A 121 9.55 15.40 0.26
CA LEU A 121 10.31 14.80 -0.85
C LEU A 121 11.79 14.91 -0.60
N GLY A 122 12.59 14.19 -1.40
CA GLY A 122 14.05 14.21 -1.15
C GLY A 122 14.61 12.81 -0.88
N ARG A 123 13.81 11.75 -1.13
CA ARG A 123 14.31 10.41 -1.00
C ARG A 123 15.15 10.00 -2.16
N ARG A 124 16.08 9.08 -1.90
CA ARG A 124 16.88 8.49 -3.03
C ARG A 124 16.65 7.01 -3.25
N ASP A 125 17.07 6.52 -4.41
CA ASP A 125 16.83 5.11 -4.80
C ASP A 125 17.95 4.19 -4.31
N SER A 126 17.57 3.05 -3.73
CA SER A 126 18.53 2.07 -3.25
CA SER A 126 18.52 2.07 -3.22
C SER A 126 19.22 1.33 -4.38
N LEU A 127 20.40 0.78 -4.10
CA LEU A 127 21.01 -0.14 -5.08
C LEU A 127 20.65 -1.61 -4.79
N THR A 128 19.95 -1.88 -3.71
CA THR A 128 19.74 -3.27 -3.30
C THR A 128 18.26 -3.55 -3.05
N ALA A 129 17.94 -4.83 -3.10
CA ALA A 129 16.60 -5.30 -2.75
C ALA A 129 16.79 -6.52 -1.86
N ASN A 130 15.77 -6.81 -1.03
CA ASN A 130 15.94 -7.92 -0.15
C ASN A 130 14.61 -8.69 -0.04
N ARG A 131 14.54 -9.74 -0.85
CA ARG A 131 13.34 -10.60 -0.89
C ARG A 131 13.06 -11.29 0.44
N THR A 132 14.11 -11.76 1.17
CA THR A 132 13.86 -12.44 2.39
C THR A 132 13.30 -11.48 3.42
N LEU A 133 13.79 -10.24 3.44
CA LEU A 133 13.31 -9.28 4.45
C LEU A 133 11.85 -8.93 4.14
N ALA A 134 11.50 -8.81 2.87
CA ALA A 134 10.06 -8.56 2.44
C ALA A 134 9.15 -9.70 2.93
N ASN A 135 9.63 -10.94 2.83
CA ASN A 135 8.84 -12.11 3.33
C ASN A 135 8.61 -12.01 4.82
N GLN A 136 9.61 -11.50 5.54
CA GLN A 136 9.59 -11.44 6.99
C GLN A 136 8.83 -10.29 7.55
N THR A 137 8.90 -9.11 6.93
CA THR A 137 8.38 -7.94 7.57
C THR A 137 7.04 -7.41 6.98
N LEU A 138 6.63 -7.87 5.80
CA LEU A 138 5.38 -7.35 5.24
C LEU A 138 4.27 -8.13 6.01
N PRO A 139 3.27 -7.42 6.55
CA PRO A 139 2.35 -8.20 7.45
C PRO A 139 1.47 -9.17 6.65
N SER A 140 1.25 -10.36 7.22
CA SER A 140 0.37 -11.35 6.61
C SER A 140 -1.08 -11.04 7.03
N PRO A 141 -2.05 -11.37 6.16
CA PRO A 141 -3.49 -11.13 6.44
C PRO A 141 -3.98 -12.20 7.44
N PHE A 142 -3.07 -13.02 7.99
CA PHE A 142 -3.47 -14.07 8.99
C PHE A 142 -2.99 -13.68 10.41
N LEU A 143 -2.33 -12.52 10.56
CA LEU A 143 -1.84 -12.05 11.86
C LEU A 143 -2.99 -11.72 12.80
N THR A 144 -2.76 -11.97 14.10
CA THR A 144 -3.67 -11.50 15.13
C THR A 144 -3.43 -9.99 15.36
N LEU A 145 -4.34 -9.37 16.10
CA LEU A 145 -4.20 -7.91 16.38
C LEU A 145 -2.88 -7.60 17.10
N ASP A 146 -2.51 -8.39 18.13
CA ASP A 146 -1.26 -8.13 18.81
C ASP A 146 -0.09 -8.30 17.85
N GLN A 147 -0.20 -9.24 16.91
CA GLN A 147 0.91 -9.44 15.97
C GLN A 147 0.97 -8.31 14.98
N LEU A 148 -0.18 -7.78 14.56
CA LEU A 148 -0.21 -6.58 13.68
C LEU A 148 0.41 -5.38 14.36
N LYS A 149 0.04 -5.16 15.63
CA LYS A 149 0.66 -4.03 16.36
C LYS A 149 2.17 -4.22 16.38
N THR A 150 2.64 -5.43 16.69
CA THR A 150 4.10 -5.62 16.74
C THR A 150 4.78 -5.31 15.41
N ASP A 151 4.17 -5.79 14.36
CA ASP A 151 4.70 -5.64 13.00
C ASP A 151 4.81 -4.17 12.69
N PHE A 152 3.80 -3.38 13.04
CA PHE A 152 3.86 -1.90 12.82
C PHE A 152 4.81 -1.19 13.76
N SER A 153 4.85 -1.65 15.00
CA SER A 153 5.76 -1.02 15.96
C SER A 153 7.22 -1.19 15.51
N ASP A 154 7.55 -2.30 14.86
CA ASP A 154 8.92 -2.58 14.35
C ASP A 154 9.37 -1.60 13.26
N GLN A 155 8.38 -0.98 12.61
CA GLN A 155 8.57 0.11 11.70
C GLN A 155 8.43 1.53 12.29
N GLY A 156 8.26 1.65 13.60
CA GLY A 156 8.02 2.97 14.21
C GLY A 156 6.62 3.52 14.08
N LEU A 157 5.63 2.66 13.81
CA LEU A 157 4.23 3.07 13.62
C LEU A 157 3.44 2.53 14.78
N ASN A 158 2.52 3.34 15.27
CA ASN A 158 1.83 2.97 16.49
C ASN A 158 0.42 2.52 16.22
N THR A 159 -0.37 2.30 17.28
CA THR A 159 -1.67 1.72 17.16
C THR A 159 -2.61 2.58 16.30
N THR A 160 -2.52 3.90 16.44
CA THR A 160 -3.34 4.81 15.63
C THR A 160 -2.91 4.68 14.16
N ASP A 161 -1.60 4.56 13.95
CA ASP A 161 -1.07 4.46 12.55
C ASP A 161 -1.62 3.17 11.95
N LEU A 162 -1.65 2.11 12.73
CA LEU A 162 -2.20 0.82 12.23
C LEU A 162 -3.62 0.97 11.77
N VAL A 163 -4.46 1.55 12.62
CA VAL A 163 -5.86 1.67 12.24
C VAL A 163 -6.07 2.62 11.07
N ALA A 164 -5.42 3.76 11.11
CA ALA A 164 -5.56 4.77 10.03
C ALA A 164 -5.06 4.18 8.71
N LEU A 165 -3.88 3.56 8.70
CA LEU A 165 -3.34 3.11 7.42
C LEU A 165 -4.05 1.88 6.93
N SER A 166 -4.64 1.07 7.83
CA SER A 166 -5.49 -0.05 7.32
C SER A 166 -6.72 0.47 6.55
N GLY A 167 -7.10 1.72 6.78
CA GLY A 167 -8.16 2.37 6.00
C GLY A 167 -7.85 2.50 4.52
N ALA A 168 -6.60 2.24 4.10
CA ALA A 168 -6.29 2.19 2.67
C ALA A 168 -7.03 1.03 2.04
N HIS A 169 -7.56 0.12 2.86
CA HIS A 169 -8.42 -0.91 2.26
C HIS A 169 -9.86 -0.43 2.00
N THR A 170 -10.05 0.89 2.08
CA THR A 170 -11.25 1.54 1.54
C THR A 170 -11.36 1.44 0.01
N PHE A 171 -10.31 1.02 -0.65
CA PHE A 171 -10.35 0.70 -2.08
C PHE A 171 -9.50 -0.48 -2.43
N GLY A 172 -9.58 -0.96 -3.71
CA GLY A 172 -8.72 -2.00 -4.09
C GLY A 172 -9.34 -3.41 -3.92
N ARG A 173 -8.52 -4.41 -4.14
CA ARG A 173 -8.98 -5.81 -4.36
C ARG A 173 -8.11 -6.78 -3.56
N ALA A 174 -8.77 -7.90 -3.21
CA ALA A 174 -8.00 -8.96 -2.52
C ALA A 174 -8.44 -10.33 -3.15
N GLN A 175 -7.46 -11.19 -3.33
CA GLN A 175 -7.69 -12.53 -3.90
C GLN A 175 -8.20 -13.47 -2.76
N CYS A 176 -9.02 -14.42 -3.18
CA CYS A 176 -9.54 -15.50 -2.31
C CYS A 176 -8.48 -16.07 -1.38
N GLN A 177 -7.30 -16.33 -1.90
CA GLN A 177 -6.28 -17.01 -1.11
C GLN A 177 -5.90 -16.21 0.18
N PHE A 178 -6.25 -14.92 0.24
CA PHE A 178 -5.87 -14.10 1.39
C PHE A 178 -6.93 -14.01 2.48
N PHE A 179 -8.10 -14.64 2.24
CA PHE A 179 -9.14 -14.65 3.28
C PHE A 179 -9.91 -15.98 3.33
N SER A 180 -9.63 -16.91 2.41
CA SER A 180 -10.54 -18.07 2.33
C SER A 180 -10.44 -18.98 3.58
N GLN A 181 -9.36 -18.87 4.36
CA GLN A 181 -9.29 -19.55 5.71
C GLN A 181 -10.47 -19.13 6.62
N ARG A 182 -11.02 -17.94 6.42
CA ARG A 182 -12.15 -17.49 7.25
C ARG A 182 -13.46 -18.15 6.86
N LEU A 183 -13.47 -18.79 5.68
CA LEU A 183 -14.74 -19.26 5.09
C LEU A 183 -15.13 -20.70 5.40
N TYR A 184 -14.13 -21.57 5.62
CA TYR A 184 -14.47 -22.96 5.82
C TYR A 184 -13.89 -23.49 7.08
N ASN A 185 -12.63 -23.22 7.30
CA ASN A 185 -11.90 -23.90 8.41
C ASN A 185 -11.03 -22.88 9.06
N PHE A 186 -11.62 -22.07 9.93
CA PHE A 186 -10.95 -20.94 10.51
C PHE A 186 -10.17 -21.33 11.77
N SER A 187 -8.89 -20.96 11.83
CA SER A 187 -8.03 -21.33 12.98
C SER A 187 -8.08 -22.77 13.41
N ALA A 188 -8.14 -23.68 12.42
CA ALA A 188 -8.17 -25.11 12.65
C ALA A 188 -9.48 -25.62 13.33
N THR A 189 -10.48 -24.73 13.44
CA THR A 189 -11.73 -25.08 14.18
C THR A 189 -12.63 -25.93 13.31
N GLY A 190 -12.45 -25.85 11.97
CA GLY A 190 -13.37 -26.62 11.09
C GLY A 190 -14.61 -25.82 10.65
N SER A 191 -14.70 -24.56 11.08
CA SER A 191 -15.93 -23.77 10.94
C SER A 191 -15.50 -22.37 10.52
N PRO A 192 -16.43 -21.59 10.04
CA PRO A 192 -16.09 -20.25 9.55
C PRO A 192 -15.76 -19.29 10.68
N ASP A 193 -15.08 -18.19 10.35
CA ASP A 193 -14.75 -17.18 11.35
C ASP A 193 -16.09 -16.50 11.76
N PRO A 194 -16.50 -16.54 13.05
CA PRO A 194 -17.83 -15.98 13.38
C PRO A 194 -17.89 -14.47 13.37
N THR A 195 -16.75 -13.78 13.18
CA THR A 195 -16.75 -12.32 13.08
C THR A 195 -16.97 -11.81 11.63
N LEU A 196 -17.22 -12.74 10.71
CA LEU A 196 -17.63 -12.40 9.36
C LEU A 196 -19.14 -12.33 9.30
N ASN A 197 -19.68 -11.20 8.89
CA ASN A 197 -21.13 -11.12 8.73
C ASN A 197 -21.66 -12.34 7.91
N THR A 198 -22.71 -13.01 8.42
CA THR A 198 -23.14 -14.18 7.70
C THR A 198 -23.52 -13.98 6.26
N THR A 199 -24.04 -12.79 5.90
CA THR A 199 -24.35 -12.55 4.49
C THR A 199 -23.08 -12.42 3.68
N LEU A 200 -22.06 -11.78 4.24
CA LEU A 200 -20.76 -11.70 3.52
C LEU A 200 -20.10 -13.06 3.46
N LEU A 201 -20.29 -13.90 4.51
CA LEU A 201 -19.72 -15.22 4.45
C LEU A 201 -20.31 -16.00 3.23
N GLU A 202 -21.62 -15.91 3.07
CA GLU A 202 -22.25 -16.58 1.94
C GLU A 202 -21.73 -16.02 0.61
N THR A 203 -21.62 -14.69 0.52
CA THR A 203 -21.11 -14.03 -0.74
C THR A 203 -19.74 -14.56 -1.08
N LEU A 204 -18.87 -14.62 -0.08
CA LEU A 204 -17.45 -15.01 -0.27
C LEU A 204 -17.32 -16.52 -0.53
N ARG A 205 -18.15 -17.35 0.14
CA ARG A 205 -18.21 -18.76 -0.22
C ARG A 205 -18.61 -18.99 -1.68
N ASN A 206 -19.54 -18.16 -2.18
CA ASN A 206 -19.93 -18.26 -3.60
C ASN A 206 -18.75 -18.08 -4.53
N ILE A 207 -17.91 -17.07 -4.25
CA ILE A 207 -16.88 -16.76 -5.22
C ILE A 207 -15.55 -17.43 -4.94
N CYS A 208 -15.39 -18.01 -3.74
CA CYS A 208 -14.13 -18.63 -3.35
C CYS A 208 -14.48 -20.08 -2.90
N PRO A 209 -14.97 -20.92 -3.85
CA PRO A 209 -15.38 -22.28 -3.43
C PRO A 209 -14.14 -23.03 -2.97
N GLN A 210 -14.32 -23.97 -2.04
CA GLN A 210 -13.21 -24.55 -1.25
C GLN A 210 -12.06 -25.18 -2.05
N GLY A 211 -12.37 -25.79 -3.21
CA GLY A 211 -11.31 -26.31 -4.10
C GLY A 211 -10.91 -25.46 -5.32
N GLY A 212 -11.29 -24.19 -5.32
CA GLY A 212 -11.29 -23.39 -6.54
C GLY A 212 -10.05 -22.54 -6.77
N ASN A 213 -10.19 -21.62 -7.70
CA ASN A 213 -9.10 -20.70 -8.03
C ASN A 213 -8.95 -19.62 -6.95
N GLY A 214 -7.91 -19.76 -6.13
CA GLY A 214 -7.59 -18.83 -5.06
C GLY A 214 -7.10 -17.47 -5.52
N SER A 215 -6.94 -17.28 -6.86
CA SER A 215 -6.59 -15.98 -7.45
C SER A 215 -7.79 -15.06 -7.80
N THR A 216 -9.05 -15.58 -7.69
CA THR A 216 -10.24 -14.82 -8.05
C THR A 216 -10.22 -13.63 -7.08
N ILE A 217 -10.71 -12.43 -7.45
CA ILE A 217 -10.63 -11.28 -6.50
C ILE A 217 -11.96 -10.66 -6.12
N THR A 218 -11.99 -10.02 -4.96
CA THR A 218 -13.21 -9.25 -4.62
C THR A 218 -12.78 -7.88 -4.12
N ASN A 219 -13.72 -6.99 -3.92
CA ASN A 219 -13.41 -5.65 -3.40
C ASN A 219 -13.07 -5.71 -1.89
N LEU A 220 -11.94 -5.09 -1.50
CA LEU A 220 -11.68 -4.90 -0.05
C LEU A 220 -12.74 -4.09 0.64
N ASP A 221 -13.38 -3.18 -0.10
CA ASP A 221 -14.50 -2.38 0.45
C ASP A 221 -15.75 -2.69 -0.36
N GLN A 222 -16.61 -3.54 0.22
CA GLN A 222 -17.85 -3.98 -0.42
C GLN A 222 -18.86 -2.85 -0.54
N THR A 223 -18.59 -1.70 0.09
CA THR A 223 -19.61 -0.61 0.08
C THR A 223 -19.27 0.46 -0.93
N THR A 224 -18.08 1.06 -0.81
CA THR A 224 -17.56 1.95 -1.87
C THR A 224 -16.17 1.44 -2.38
N PRO A 225 -16.22 0.58 -3.42
CA PRO A 225 -15.02 -0.18 -3.74
C PRO A 225 -13.90 0.66 -4.30
N ASP A 226 -14.21 1.82 -4.91
CA ASP A 226 -13.12 2.66 -5.47
C ASP A 226 -12.93 4.03 -4.77
N ALA A 227 -13.92 4.45 -4.05
CA ALA A 227 -13.91 5.75 -3.36
C ALA A 227 -13.10 5.70 -2.09
N PHE A 228 -12.17 6.65 -1.97
CA PHE A 228 -11.35 6.70 -0.74
C PHE A 228 -12.13 7.49 0.31
N ASP A 229 -12.65 6.72 1.28
CA ASP A 229 -13.58 7.29 2.23
C ASP A 229 -13.56 6.44 3.49
N ASN A 230 -14.46 6.75 4.43
CA ASN A 230 -14.39 6.04 5.69
C ASN A 230 -15.26 4.82 5.70
N LYS A 231 -15.73 4.39 4.52
CA LYS A 231 -16.71 3.26 4.56
C LYS A 231 -16.00 1.98 4.99
N TYR A 232 -14.68 1.92 4.87
CA TYR A 232 -13.92 0.75 5.35
C TYR A 232 -14.24 0.52 6.80
N PHE A 233 -14.27 1.63 7.56
CA PHE A 233 -14.53 1.52 9.00
C PHE A 233 -15.95 1.18 9.38
N SER A 234 -16.91 1.82 8.72
CA SER A 234 -18.29 1.50 9.03
CA SER A 234 -18.31 1.52 8.97
C SER A 234 -18.58 0.08 8.58
N ASN A 235 -17.87 -0.44 7.56
CA ASN A 235 -18.00 -1.88 7.17
C ASN A 235 -17.61 -2.75 8.35
N LEU A 236 -16.53 -2.40 9.04
CA LEU A 236 -16.09 -3.29 10.16
C LEU A 236 -17.18 -3.35 11.23
N GLN A 237 -17.94 -2.26 11.40
CA GLN A 237 -18.97 -2.21 12.45
C GLN A 237 -20.08 -3.20 12.18
N THR A 238 -20.29 -3.50 10.90
CA THR A 238 -21.29 -4.52 10.51
C THR A 238 -20.61 -5.86 10.09
N GLN A 239 -19.35 -6.06 10.52
CA GLN A 239 -18.63 -7.32 10.23
C GLN A 239 -18.45 -7.57 8.72
N TYR A 240 -18.19 -6.49 7.95
CA TYR A 240 -18.01 -6.58 6.51
C TYR A 240 -16.54 -6.41 6.15
N GLY A 241 -15.64 -6.47 7.15
CA GLY A 241 -14.15 -6.55 6.85
C GLY A 241 -13.85 -7.80 6.02
N ILE A 242 -12.97 -7.69 4.99
CA ILE A 242 -12.76 -8.84 4.11
C ILE A 242 -11.58 -9.63 4.69
N LEU A 243 -10.46 -8.98 5.03
CA LEU A 243 -9.33 -9.74 5.61
C LEU A 243 -9.53 -9.95 7.09
N GLN A 244 -8.98 -11.05 7.62
CA GLN A 244 -8.98 -11.26 9.05
C GLN A 244 -8.37 -10.05 9.77
N THR A 245 -7.28 -9.49 9.21
CA THR A 245 -6.61 -8.37 9.86
C THR A 245 -7.42 -7.06 9.78
N ASP A 246 -8.43 -7.02 8.92
CA ASP A 246 -9.39 -5.89 8.84
C ASP A 246 -10.38 -6.06 10.01
N GLN A 247 -11.07 -7.21 10.05
CA GLN A 247 -12.12 -7.36 11.04
C GLN A 247 -11.60 -7.32 12.50
N GLU A 248 -10.37 -7.83 12.70
CA GLU A 248 -9.79 -7.84 14.06
C GLU A 248 -9.63 -6.46 14.67
N LEU A 249 -9.51 -5.41 13.84
CA LEU A 249 -9.36 -4.05 14.41
C LEU A 249 -10.64 -3.68 15.20
N PHE A 250 -11.76 -4.26 14.79
CA PHE A 250 -13.05 -3.95 15.45
C PHE A 250 -13.46 -5.01 16.45
N SER A 251 -13.34 -6.26 16.04
CA SER A 251 -13.99 -7.37 16.77
C SER A 251 -13.16 -8.04 17.84
N THR A 252 -11.87 -7.73 17.95
CA THR A 252 -11.02 -8.37 18.95
C THR A 252 -11.44 -7.94 20.39
N LYS A 253 -11.71 -8.93 21.23
CA LYS A 253 -12.17 -8.69 22.64
C LYS A 253 -11.20 -7.78 23.37
N GLY A 254 -11.74 -6.66 23.86
CA GLY A 254 -10.97 -5.73 24.70
C GLY A 254 -9.91 -4.90 23.98
N ALA A 255 -10.02 -4.83 22.65
CA ALA A 255 -9.08 -4.07 21.84
C ALA A 255 -9.30 -2.58 21.98
N ASN A 256 -8.20 -1.84 22.13
CA ASN A 256 -8.22 -0.40 22.06
C ASN A 256 -8.45 0.15 20.64
N THR A 257 -8.37 -0.72 19.64
CA THR A 257 -8.52 -0.30 18.25
C THR A 257 -10.00 -0.12 17.92
N THR A 258 -10.89 -0.82 18.64
CA THR A 258 -12.34 -0.68 18.44
C THR A 258 -12.82 0.77 18.50
N ALA A 259 -12.38 1.52 19.51
CA ALA A 259 -12.81 2.89 19.65
C ALA A 259 -12.33 3.74 18.48
N ILE A 260 -11.13 3.44 17.97
CA ILE A 260 -10.57 4.25 16.90
C ILE A 260 -11.43 4.00 15.61
N VAL A 261 -11.74 2.73 15.37
CA VAL A 261 -12.63 2.30 14.26
C VAL A 261 -13.98 3.03 14.33
N THR A 262 -14.61 3.04 15.52
CA THR A 262 -15.95 3.64 15.63
C THR A 262 -15.84 5.15 15.41
N LYS A 263 -14.75 5.76 15.89
CA LYS A 263 -14.55 7.20 15.68
C LYS A 263 -14.44 7.47 14.20
N PHE A 264 -13.61 6.70 13.50
CA PHE A 264 -13.36 6.98 12.08
C PHE A 264 -14.62 6.65 11.23
N SER A 265 -15.44 5.67 11.67
CA SER A 265 -16.73 5.40 11.03
CA SER A 265 -16.71 5.40 11.03
C SER A 265 -17.68 6.58 11.11
N ALA A 266 -17.63 7.31 12.23
CA ALA A 266 -18.57 8.40 12.47
C ALA A 266 -18.03 9.75 11.97
N ASN A 267 -16.71 9.84 11.81
CA ASN A 267 -16.08 11.13 11.49
C ASN A 267 -15.03 10.96 10.37
N GLN A 268 -15.47 11.04 9.12
CA GLN A 268 -14.51 10.84 8.01
C GLN A 268 -13.37 11.85 8.04
N SER A 269 -13.64 13.06 8.51
CA SER A 269 -12.57 14.08 8.57
C SER A 269 -11.49 13.72 9.60
N ALA A 270 -11.89 13.08 10.70
CA ALA A 270 -10.93 12.57 11.69
C ALA A 270 -10.09 11.45 11.10
N PHE A 271 -10.73 10.56 10.35
CA PHE A 271 -9.98 9.51 9.64
C PHE A 271 -8.95 10.16 8.70
N PHE A 272 -9.43 11.09 7.88
CA PHE A 272 -8.52 11.73 6.86
C PHE A 272 -7.35 12.43 7.55
N ASN A 273 -7.62 13.13 8.64
CA ASN A 273 -6.52 13.78 9.40
C ASN A 273 -5.49 12.77 9.87
N SER A 274 -5.94 11.66 10.47
CA SER A 274 -5.02 10.62 10.94
C SER A 274 -4.32 9.94 9.80
N PHE A 275 -5.05 9.69 8.72
CA PHE A 275 -4.47 8.99 7.60
C PHE A 275 -3.31 9.81 7.01
N VAL A 276 -3.54 11.11 6.85
CA VAL A 276 -2.41 12.00 6.39
C VAL A 276 -1.16 11.90 7.31
N ALA A 277 -1.38 12.03 8.62
CA ALA A 277 -0.26 12.09 9.55
C ALA A 277 0.46 10.75 9.48
N SER A 278 -0.30 9.64 9.38
CA SER A 278 0.30 8.29 9.34
C SER A 278 1.10 8.03 8.04
N MET A 279 0.54 8.49 6.92
CA MET A 279 1.20 8.40 5.63
C MET A 279 2.53 9.12 5.66
N ILE A 280 2.56 10.28 6.27
CA ILE A 280 3.83 11.08 6.33
C ILE A 280 4.83 10.30 7.19
N LYS A 281 4.35 9.73 8.29
CA LYS A 281 5.22 8.92 9.10
CA LYS A 281 5.21 8.89 9.12
C LYS A 281 5.76 7.71 8.34
N MET A 282 4.87 6.99 7.65
CA MET A 282 5.28 5.82 6.91
C MET A 282 6.29 6.22 5.81
N GLY A 283 6.08 7.40 5.23
CA GLY A 283 6.93 7.90 4.12
C GLY A 283 8.33 8.27 4.56
N ASN A 284 8.57 8.36 5.88
CA ASN A 284 9.88 8.74 6.42
C ASN A 284 10.66 7.55 6.98
N ILE A 285 10.18 6.32 6.75
CA ILE A 285 10.89 5.12 7.23
C ILE A 285 12.14 4.84 6.34
N GLY A 286 13.33 4.70 7.01
CA GLY A 286 14.53 4.20 6.37
C GLY A 286 14.92 4.89 5.07
N VAL A 287 14.75 6.20 4.98
CA VAL A 287 14.94 6.85 3.66
C VAL A 287 16.44 7.15 3.43
N LEU A 288 16.82 7.15 2.15
CA LEU A 288 18.20 7.48 1.79
C LEU A 288 18.17 8.91 1.36
N THR A 289 19.12 9.70 1.85
CA THR A 289 19.04 11.14 1.53
C THR A 289 20.40 11.58 1.11
CA ASP A 291 24.36 11.31 -1.85
C ASP A 291 24.36 9.86 -1.54
N GLU A 292 23.41 9.42 -0.70
CA GLU A 292 23.27 7.95 -0.42
C GLU A 292 22.43 7.37 -1.53
N GLY A 293 22.80 6.21 -2.08
CA GLY A 293 21.98 5.70 -3.18
C GLY A 293 22.04 6.65 -4.39
N GLU A 294 21.02 6.61 -5.26
CA GLU A 294 21.14 7.30 -6.52
C GLU A 294 19.77 7.75 -7.03
N ILE A 295 19.79 8.42 -8.16
CA ILE A 295 18.48 8.79 -8.79
C ILE A 295 18.40 7.90 -10.02
N ARG A 296 17.55 6.88 -10.00
CA ARG A 296 17.59 5.96 -11.17
C ARG A 296 17.12 6.61 -12.45
N SER A 297 17.66 6.20 -13.61
CA SER A 297 17.05 6.61 -14.86
C SER A 297 15.86 5.74 -15.20
N ASN A 298 15.91 4.47 -14.79
CA ASN A 298 14.88 3.46 -15.06
C ASN A 298 14.59 2.78 -13.73
N CYS A 299 13.33 2.83 -13.25
CA CYS A 299 13.00 2.33 -11.97
C CYS A 299 13.34 0.84 -11.78
N ARG A 300 13.41 0.04 -12.85
CA ARG A 300 13.59 -1.40 -12.74
C ARG A 300 15.05 -1.84 -12.57
N SER A 301 15.99 -0.91 -12.84
CA SER A 301 17.45 -1.22 -12.85
C SER A 301 18.28 -0.25 -12.03
N VAL A 302 19.41 -0.74 -11.51
CA VAL A 302 20.35 0.20 -10.98
C VAL A 302 21.06 0.92 -12.12
N ASN A 303 21.54 2.14 -11.87
CA ASN A 303 22.19 2.85 -12.96
C ASN A 303 23.51 2.16 -13.33
N GLY A 304 23.76 1.98 -14.63
CA GLY A 304 24.83 1.02 -15.07
C GLY A 304 24.44 -0.50 -15.09
N GLY A 305 25.41 -1.41 -14.94
N GLY A 305 25.47 -1.35 -15.10
CA GLY A 305 25.13 -2.88 -15.00
CA GLY A 305 25.31 -2.81 -15.19
C GLY A 305 24.52 -3.59 -13.79
C GLY A 305 26.57 -3.55 -14.79
N ALA A 306 23.86 -4.74 -14.04
N ALA A 306 26.41 -4.80 -14.35
CA ALA A 306 23.15 -5.62 -13.05
CA ALA A 306 27.52 -5.59 -13.80
C ALA A 306 22.84 -5.00 -11.70
C ALA A 306 26.99 -6.65 -12.84
#